data_6QOU
#
_entry.id   6QOU
#
_cell.length_a   75.188
_cell.length_b   79.070
_cell.length_c   87.396
_cell.angle_alpha   90.000
_cell.angle_beta   90.000
_cell.angle_gamma   90.000
#
_symmetry.space_group_name_H-M   'P 21 21 21'
#
loop_
_entity.id
_entity.type
_entity.pdbx_description
1 polymer 'tRNA (guanine-N(1)-)-methyltransferase'
2 non-polymer '1~{H}-indol-6-ylboronic acid'
3 water water
#
_entity_poly.entity_id   1
_entity_poly.type   'polypeptide(L)'
_entity_poly.pdbx_seq_one_letter_code
;GSMKIDVVTIFPEYLQPVRQSLPGKAIDAGLVDVAVHDLRRWTHDVHKSVDDSPYGGGPGMVMKPTVWGDALDEICTSET
LLVVPTPAGYPFTQETAWQWSTEDHLVIACGRYEGIDQRVADDAATRMRVREVSIGDYVLNGGEAAALVIIEAVLRLVPG
VLGNALSAQEDSHSEGMASLLEGPSYTRPPSWRGMDVPPVLLSGDHAKIAAWRAEQSRQRTIERRPDLLGFDSPTGEHGG
DGLS
;
_entity_poly.pdbx_strand_id   A,B
#
# COMPACT_ATOMS: atom_id res chain seq x y z
N SER A 2 -13.68 19.53 -6.68
CA SER A 2 -14.63 18.77 -5.85
C SER A 2 -13.92 18.12 -4.66
N MET A 3 -12.78 17.49 -4.87
CA MET A 3 -11.93 17.11 -3.73
C MET A 3 -10.53 17.72 -3.84
N LYS A 4 -10.09 18.31 -2.72
CA LYS A 4 -8.71 18.75 -2.55
C LYS A 4 -7.98 17.79 -1.61
N ILE A 5 -6.78 17.37 -1.99
CA ILE A 5 -5.92 16.57 -1.11
C ILE A 5 -4.59 17.30 -0.91
N ASP A 6 -4.23 17.56 0.35
CA ASP A 6 -2.92 18.10 0.69
C ASP A 6 -2.11 17.02 1.39
N VAL A 7 -0.86 16.78 0.95
CA VAL A 7 0.00 15.80 1.60
C VAL A 7 1.20 16.50 2.23
N VAL A 8 1.53 16.18 3.47
CA VAL A 8 2.69 16.79 4.13
C VAL A 8 3.73 15.72 4.48
N THR A 9 4.99 15.95 4.07
CA THR A 9 6.03 14.92 4.13
C THR A 9 7.42 15.54 4.09
N ILE A 10 8.42 14.86 4.67
CA ILE A 10 9.80 15.31 4.48
C ILE A 10 10.42 14.78 3.17
N PHE A 11 9.64 13.99 2.43
CA PHE A 11 10.09 13.47 1.13
C PHE A 11 9.08 13.79 0.02
N PRO A 12 8.90 15.08 -0.31
CA PRO A 12 7.87 15.45 -1.30
C PRO A 12 8.03 14.79 -2.67
N GLU A 13 9.26 14.45 -3.07
CA GLU A 13 9.48 13.81 -4.37
C GLU A 13 8.79 12.44 -4.50
N TYR A 14 8.53 11.80 -3.37
CA TYR A 14 7.89 10.48 -3.35
C TYR A 14 6.48 10.52 -3.93
N LEU A 15 5.84 11.68 -3.85
CA LEU A 15 4.45 11.84 -4.27
C LEU A 15 4.30 12.39 -5.70
N GLN A 16 5.41 12.71 -6.36
CA GLN A 16 5.36 13.18 -7.75
C GLN A 16 4.66 12.23 -8.74
N PRO A 17 4.88 10.91 -8.62
CA PRO A 17 4.15 9.92 -9.42
C PRO A 17 2.65 10.16 -9.53
N VAL A 18 1.96 10.22 -8.39
CA VAL A 18 0.51 10.34 -8.42
C VAL A 18 0.06 11.67 -9.01
N ARG A 19 0.78 12.75 -8.71
CA ARG A 19 0.42 14.06 -9.23
C ARG A 19 0.34 14.05 -10.75
N GLN A 20 1.37 13.48 -11.37
CA GLN A 20 1.43 13.40 -12.83
C GLN A 20 0.38 12.45 -13.40
N SER A 21 0.02 11.44 -12.63
CA SER A 21 -0.89 10.39 -13.10
C SER A 21 -2.37 10.78 -13.10
N LEU A 22 -2.69 11.97 -12.58
CA LEU A 22 -4.07 12.46 -12.63
C LEU A 22 -4.48 12.76 -14.07
N PRO A 23 -5.70 12.38 -14.44
CA PRO A 23 -6.22 12.68 -15.78
C PRO A 23 -6.42 14.19 -15.96
N GLY A 24 -5.93 14.72 -17.08
CA GLY A 24 -5.99 16.15 -17.35
C GLY A 24 -7.39 16.71 -17.37
N LYS A 25 -8.35 15.90 -17.84
CA LYS A 25 -9.74 16.33 -17.94
C LYS A 25 -10.35 16.60 -16.56
N ALA A 26 -9.93 15.81 -15.57
CA ALA A 26 -10.45 15.95 -14.21
C ALA A 26 -9.91 17.20 -13.54
N ILE A 27 -8.63 17.50 -13.77
CA ILE A 27 -8.03 18.71 -13.21
C ILE A 27 -8.63 19.94 -13.88
N ASP A 28 -8.76 19.89 -15.20
CA ASP A 28 -9.34 20.99 -15.97
C ASP A 28 -10.78 21.27 -15.55
N ALA A 29 -11.54 20.21 -15.29
CA ALA A 29 -12.93 20.34 -14.85
C ALA A 29 -13.04 20.74 -13.38
N GLY A 30 -11.90 20.78 -12.68
CA GLY A 30 -11.87 21.19 -11.29
C GLY A 30 -12.42 20.14 -10.35
N LEU A 31 -12.34 18.88 -10.76
CA LEU A 31 -12.89 17.78 -9.97
C LEU A 31 -11.91 17.34 -8.89
N VAL A 32 -10.63 17.57 -9.12
CA VAL A 32 -9.61 17.11 -8.17
C VAL A 32 -8.35 17.98 -8.19
N ASP A 33 -7.70 18.11 -7.03
CA ASP A 33 -6.43 18.82 -6.91
C ASP A 33 -5.58 18.18 -5.81
N VAL A 34 -4.38 17.73 -6.14
CA VAL A 34 -3.45 17.14 -5.17
C VAL A 34 -2.21 18.02 -5.04
N ALA A 35 -1.94 18.49 -3.81
CA ALA A 35 -0.78 19.34 -3.55
C ALA A 35 0.12 18.67 -2.51
N VAL A 36 1.44 18.79 -2.70
CA VAL A 36 2.40 18.18 -1.78
C VAL A 36 3.29 19.26 -1.14
N HIS A 37 3.49 19.14 0.17
CA HIS A 37 4.21 20.15 0.95
C HIS A 37 5.38 19.55 1.72
N ASP A 38 6.54 20.18 1.63
CA ASP A 38 7.71 19.81 2.43
C ASP A 38 7.53 20.27 3.89
N LEU A 39 7.47 19.31 4.82
CA LEU A 39 7.34 19.61 6.25
C LEU A 39 8.41 20.59 6.75
N ARG A 40 9.58 20.60 6.12
CA ARG A 40 10.66 21.45 6.65
C ARG A 40 10.37 22.95 6.46
N ARG A 41 9.36 23.28 5.65
CA ARG A 41 8.90 24.66 5.54
C ARG A 41 8.49 25.25 6.90
N TRP A 42 8.10 24.38 7.83
CA TRP A 42 7.58 24.84 9.12
C TRP A 42 8.55 24.57 10.29
N THR A 43 9.81 24.25 9.98
CA THR A 43 10.81 24.12 11.04
C THR A 43 11.21 25.49 11.63
N HIS A 44 11.78 25.51 12.83
CA HIS A 44 12.06 26.78 13.52
C HIS A 44 13.53 27.15 13.60
N ASP A 45 14.41 26.21 13.26
CA ASP A 45 15.84 26.39 13.49
C ASP A 45 16.67 26.27 12.22
N VAL A 46 17.92 26.73 12.26
CA VAL A 46 18.73 26.73 11.06
C VAL A 46 19.08 25.32 10.61
N HIS A 47 18.99 24.34 11.53
CA HIS A 47 19.29 22.96 11.18
C HIS A 47 18.07 22.22 10.63
N LYS A 48 16.93 22.91 10.56
CA LYS A 48 15.67 22.35 10.03
C LYS A 48 15.27 21.02 10.69
N SER A 49 15.26 21.01 12.02
CA SER A 49 14.99 19.80 12.80
C SER A 49 13.52 19.39 12.79
N VAL A 50 13.25 18.12 12.46
CA VAL A 50 11.86 17.62 12.49
C VAL A 50 11.64 16.51 13.54
N ASP A 51 12.72 16.08 14.21
CA ASP A 51 12.63 14.98 15.17
C ASP A 51 13.49 15.21 16.43
N ASP A 52 13.24 14.41 17.47
CA ASP A 52 13.89 14.56 18.78
C ASP A 52 13.74 13.25 19.55
N SER A 53 14.48 13.08 20.65
CA SER A 53 14.50 11.81 21.39
C SER A 53 13.19 11.52 22.13
N PRO A 54 12.80 10.23 22.23
CA PRO A 54 11.53 9.88 22.91
C PRO A 54 11.56 10.00 24.43
N TYR A 55 10.54 10.64 25.01
CA TYR A 55 10.38 10.61 26.47
C TYR A 55 10.14 9.18 26.93
N GLY A 56 10.81 8.80 28.02
CA GLY A 56 10.66 7.46 28.56
C GLY A 56 11.68 6.49 28.00
N GLY A 57 12.50 6.99 27.09
CA GLY A 57 13.58 6.19 26.53
C GLY A 57 13.13 5.33 25.37
N GLY A 58 14.08 4.63 24.76
CA GLY A 58 13.78 3.74 23.67
C GLY A 58 14.57 4.04 22.43
N PRO A 59 14.41 3.22 21.39
CA PRO A 59 15.12 3.37 20.13
C PRO A 59 14.43 4.36 19.20
N GLY A 60 15.20 4.91 18.27
CA GLY A 60 14.65 5.80 17.26
C GLY A 60 14.34 7.18 17.78
N MET A 61 13.54 7.91 17.00
CA MET A 61 13.23 9.30 17.27
C MET A 61 11.73 9.54 17.07
N VAL A 62 11.23 10.65 17.58
CA VAL A 62 9.81 11.02 17.49
C VAL A 62 9.68 12.38 16.79
N MET A 63 8.70 12.53 15.90
CA MET A 63 8.58 13.82 15.21
C MET A 63 8.00 14.92 16.13
N LYS A 64 8.56 16.12 16.00
CA LYS A 64 8.31 17.25 16.92
C LYS A 64 6.89 17.81 16.82
N PRO A 65 6.22 18.03 17.97
CA PRO A 65 4.86 18.58 17.90
C PRO A 65 4.82 20.03 17.45
N THR A 66 5.84 20.83 17.76
CA THR A 66 5.75 22.24 17.41
C THR A 66 5.79 22.47 15.87
N VAL A 67 6.61 21.69 15.16
CA VAL A 67 6.68 21.77 13.70
C VAL A 67 5.37 21.32 13.05
N TRP A 68 4.88 20.14 13.44
CA TRP A 68 3.62 19.60 12.91
C TRP A 68 2.42 20.49 13.24
N GLY A 69 2.37 21.03 14.45
CA GLY A 69 1.27 21.92 14.82
C GLY A 69 1.19 23.15 13.92
N ASP A 70 2.34 23.75 13.60
CA ASP A 70 2.35 24.92 12.72
C ASP A 70 1.91 24.54 11.29
N ALA A 71 2.38 23.40 10.79
CA ALA A 71 2.02 22.95 9.45
C ALA A 71 0.50 22.74 9.33
N LEU A 72 -0.06 21.99 10.28
CA LEU A 72 -1.50 21.69 10.24
C LEU A 72 -2.38 22.92 10.50
N ASP A 73 -1.91 23.85 11.34
CA ASP A 73 -2.64 25.09 11.56
C ASP A 73 -2.83 25.85 10.24
N GLU A 74 -1.80 25.85 9.41
CA GLU A 74 -1.84 26.59 8.14
C GLU A 74 -2.69 25.87 7.08
N ILE A 75 -2.58 24.55 7.01
CA ILE A 75 -3.17 23.78 5.92
C ILE A 75 -4.63 23.35 6.18
N CYS A 76 -4.95 23.04 7.44
CA CYS A 76 -6.28 22.53 7.74
C CYS A 76 -7.33 23.61 7.95
N THR A 77 -8.59 23.23 7.77
CA THR A 77 -9.73 24.08 8.16
C THR A 77 -10.73 23.23 8.94
N SER A 78 -11.86 23.82 9.33
CA SER A 78 -12.87 23.09 10.09
C SER A 78 -13.49 21.94 9.31
N GLU A 79 -13.39 21.98 7.98
CA GLU A 79 -13.99 20.94 7.17
C GLU A 79 -13.03 19.79 6.83
N THR A 80 -11.76 19.92 7.23
CA THR A 80 -10.73 18.94 6.91
C THR A 80 -10.96 17.57 7.57
N LEU A 81 -10.73 16.51 6.80
CA LEU A 81 -10.56 15.16 7.35
C LEU A 81 -9.06 14.87 7.39
N LEU A 82 -8.49 14.80 8.59
CA LEU A 82 -7.04 14.60 8.76
C LEU A 82 -6.74 13.11 8.84
N VAL A 83 -5.98 12.63 7.87
CA VAL A 83 -5.61 11.21 7.74
C VAL A 83 -4.17 11.00 8.17
N VAL A 84 -3.94 10.12 9.14
CA VAL A 84 -2.59 9.86 9.65
C VAL A 84 -2.24 8.37 9.50
N PRO A 85 -1.47 8.00 8.46
CA PRO A 85 -1.07 6.59 8.34
C PRO A 85 -0.17 6.16 9.50
N THR A 86 -0.43 4.97 10.04
CA THR A 86 0.36 4.41 11.13
C THR A 86 0.09 2.91 11.25
N PRO A 87 1.11 2.11 11.57
CA PRO A 87 0.88 0.66 11.72
C PRO A 87 -0.02 0.37 12.91
N ALA A 88 -0.22 1.36 13.78
CA ALA A 88 -1.12 1.19 14.94
C ALA A 88 -2.53 1.73 14.69
N GLY A 89 -2.88 2.00 13.43
CA GLY A 89 -4.18 2.57 13.14
C GLY A 89 -5.34 1.59 13.03
N TYR A 90 -6.56 2.14 12.90
CA TYR A 90 -7.70 1.35 12.45
C TYR A 90 -7.47 0.86 11.02
N PRO A 91 -8.00 -0.31 10.66
CA PRO A 91 -7.78 -0.81 9.30
C PRO A 91 -8.41 0.08 8.21
N PHE A 92 -7.64 0.41 7.16
CA PHE A 92 -8.17 1.09 5.97
C PHE A 92 -8.68 0.03 4.99
N THR A 93 -9.97 0.08 4.66
CA THR A 93 -10.57 -0.89 3.74
C THR A 93 -11.34 -0.20 2.63
N GLN A 94 -11.90 -1.00 1.70
CA GLN A 94 -12.71 -0.45 0.62
C GLN A 94 -13.90 0.37 1.15
N GLU A 95 -14.47 -0.04 2.28
CA GLU A 95 -15.55 0.74 2.90
C GLU A 95 -15.06 2.13 3.31
N THR A 96 -13.84 2.19 3.86
CA THR A 96 -13.25 3.47 4.21
C THR A 96 -13.08 4.34 2.98
N ALA A 97 -12.58 3.75 1.90
CA ALA A 97 -12.33 4.48 0.65
C ALA A 97 -13.63 5.09 0.12
N TRP A 98 -14.72 4.30 0.13
CA TRP A 98 -16.02 4.80 -0.31
C TRP A 98 -16.49 5.99 0.54
N GLN A 99 -16.34 5.86 1.86
CA GLN A 99 -16.73 6.95 2.76
C GLN A 99 -15.94 8.24 2.48
N TRP A 100 -14.63 8.12 2.32
CA TRP A 100 -13.79 9.31 2.14
C TRP A 100 -13.94 9.96 0.75
N SER A 101 -14.52 9.21 -0.20
CA SER A 101 -14.60 9.66 -1.59
C SER A 101 -15.54 10.85 -1.77
N THR A 102 -16.37 11.12 -0.77
CA THR A 102 -17.29 12.25 -0.88
C THR A 102 -16.83 13.46 -0.07
N GLU A 103 -15.64 13.38 0.51
CA GLU A 103 -15.09 14.49 1.28
C GLU A 103 -14.63 15.67 0.41
N ASP A 104 -14.71 16.88 0.97
CA ASP A 104 -14.22 18.07 0.27
C ASP A 104 -12.71 18.28 0.41
N HIS A 105 -12.13 17.88 1.54
CA HIS A 105 -10.72 18.18 1.85
C HIS A 105 -10.08 17.11 2.72
N LEU A 106 -9.12 16.36 2.14
CA LEU A 106 -8.30 15.43 2.91
C LEU A 106 -6.93 16.02 3.10
N VAL A 107 -6.38 15.92 4.31
CA VAL A 107 -4.98 16.27 4.56
C VAL A 107 -4.31 15.00 5.06
N ILE A 108 -3.23 14.58 4.40
CA ILE A 108 -2.53 13.35 4.81
C ILE A 108 -1.19 13.69 5.43
N ALA A 109 -1.04 13.36 6.72
CA ALA A 109 0.18 13.67 7.47
C ALA A 109 1.11 12.46 7.48
N CYS A 110 2.23 12.53 6.75
CA CYS A 110 3.16 11.40 6.63
C CYS A 110 4.28 11.46 7.66
N GLY A 111 4.32 10.48 8.56
CA GLY A 111 5.38 10.38 9.55
C GLY A 111 6.55 9.53 9.12
N ARG A 112 7.59 9.57 9.95
CA ARG A 112 8.84 8.83 9.76
C ARG A 112 9.37 8.47 11.14
N TYR A 113 10.51 7.79 11.18
CA TYR A 113 11.12 7.33 12.44
C TYR A 113 10.11 6.52 13.25
N GLU A 114 9.88 6.90 14.51
CA GLU A 114 8.95 6.16 15.35
C GLU A 114 7.57 6.83 15.48
N GLY A 115 7.28 7.75 14.57
CA GLY A 115 5.95 8.37 14.51
C GLY A 115 5.90 9.82 15.00
N ILE A 116 4.69 10.38 15.06
CA ILE A 116 4.47 11.79 15.41
C ILE A 116 4.00 11.90 16.87
N ASP A 117 4.56 12.84 17.64
CA ASP A 117 4.11 13.10 19.01
C ASP A 117 2.56 13.08 19.08
N GLN A 118 2.02 12.28 20.00
CA GLN A 118 0.57 12.02 20.01
C GLN A 118 -0.26 13.27 20.26
N ARG A 119 0.34 14.32 20.85
CA ARG A 119 -0.43 15.53 21.13
C ARG A 119 -0.84 16.25 19.84
N VAL A 120 -0.14 15.99 18.73
CA VAL A 120 -0.54 16.63 17.44
C VAL A 120 -1.93 16.18 17.02
N ALA A 121 -2.15 14.87 16.97
CA ALA A 121 -3.47 14.33 16.61
C ALA A 121 -4.52 14.68 17.66
N ASP A 122 -4.15 14.60 18.94
CA ASP A 122 -5.11 14.88 20.01
C ASP A 122 -5.58 16.35 19.96
N ASP A 123 -4.65 17.28 19.72
CA ASP A 123 -5.01 18.70 19.58
C ASP A 123 -5.89 18.92 18.32
N ALA A 124 -5.49 18.32 17.20
CA ALA A 124 -6.24 18.50 15.96
C ALA A 124 -7.70 18.00 16.10
N ALA A 125 -7.87 16.93 16.85
CA ALA A 125 -9.19 16.31 17.03
C ALA A 125 -10.17 17.18 17.81
N THR A 126 -9.68 18.23 18.47
CA THR A 126 -10.59 19.14 19.19
C THR A 126 -11.22 20.15 18.23
N ARG A 127 -10.78 20.19 16.97
CA ARG A 127 -11.45 21.10 16.04
C ARG A 127 -11.66 20.57 14.60
N MET A 128 -11.27 19.33 14.33
CA MET A 128 -11.56 18.68 13.04
C MET A 128 -11.66 17.16 13.26
N ARG A 129 -12.08 16.42 12.22
CA ARG A 129 -12.14 14.97 12.28
C ARG A 129 -10.76 14.37 11.96
N VAL A 130 -10.32 13.43 12.79
CA VAL A 130 -8.99 12.83 12.64
C VAL A 130 -9.13 11.30 12.52
N ARG A 131 -8.36 10.69 11.60
CA ARG A 131 -8.44 9.24 11.34
C ARG A 131 -7.03 8.62 11.25
N GLU A 132 -6.62 7.88 12.27
CA GLU A 132 -5.35 7.14 12.23
C GLU A 132 -5.60 5.77 11.60
N VAL A 133 -4.90 5.43 10.53
CA VAL A 133 -5.23 4.20 9.77
C VAL A 133 -4.02 3.40 9.33
N SER A 134 -4.18 2.07 9.34
CA SER A 134 -3.19 1.14 8.81
C SER A 134 -3.66 0.51 7.49
N ILE A 135 -2.80 0.51 6.46
CA ILE A 135 -3.18 -0.09 5.18
C ILE A 135 -2.95 -1.61 5.10
N GLY A 136 -2.32 -2.20 6.11
CA GLY A 136 -2.12 -3.64 6.17
C GLY A 136 -1.25 -4.03 7.35
N ASP A 137 -1.14 -5.33 7.62
CA ASP A 137 -0.39 -5.81 8.77
C ASP A 137 1.09 -6.00 8.49
N TYR A 138 1.76 -4.89 8.21
CA TYR A 138 3.19 -4.86 7.97
C TYR A 138 3.69 -3.46 8.34
N VAL A 139 4.99 -3.38 8.60
CA VAL A 139 5.65 -2.14 8.98
C VAL A 139 6.45 -1.55 7.82
N LEU A 140 6.18 -0.28 7.48
CA LEU A 140 6.96 0.44 6.49
C LEU A 140 7.96 1.40 7.18
N ASN A 141 8.82 2.08 6.42
CA ASN A 141 9.74 3.07 7.01
C ASN A 141 9.05 4.39 7.36
N GLY A 142 7.95 4.69 6.68
CA GLY A 142 7.22 5.92 6.89
C GLY A 142 5.88 5.90 6.17
N GLY A 143 5.15 7.00 6.27
CA GLY A 143 3.78 7.03 5.76
C GLY A 143 3.56 7.27 4.27
N GLU A 144 4.63 7.58 3.52
CA GLU A 144 4.48 7.98 2.12
C GLU A 144 3.87 6.90 1.19
N ALA A 145 4.35 5.67 1.27
CA ALA A 145 3.77 4.61 0.43
C ALA A 145 2.31 4.34 0.79
N ALA A 146 1.98 4.46 2.07
CA ALA A 146 0.57 4.35 2.51
C ALA A 146 -0.30 5.49 1.94
N ALA A 147 0.25 6.71 1.90
CA ALA A 147 -0.45 7.82 1.27
C ALA A 147 -0.73 7.57 -0.22
N LEU A 148 0.23 7.00 -0.95
CA LEU A 148 0.01 6.65 -2.37
C LEU A 148 -1.16 5.66 -2.54
N VAL A 149 -1.20 4.64 -1.68
CA VAL A 149 -2.26 3.65 -1.73
C VAL A 149 -3.63 4.27 -1.43
N ILE A 150 -3.70 5.07 -0.37
CA ILE A 150 -4.96 5.74 0.00
C ILE A 150 -5.43 6.70 -1.10
N ILE A 151 -4.52 7.48 -1.68
CA ILE A 151 -4.92 8.43 -2.72
C ILE A 151 -5.50 7.68 -3.93
N GLU A 152 -4.83 6.61 -4.35
CA GLU A 152 -5.34 5.81 -5.47
C GLU A 152 -6.71 5.17 -5.18
N ALA A 153 -6.84 4.53 -4.03
CA ALA A 153 -8.09 3.81 -3.72
C ALA A 153 -9.29 4.76 -3.56
N VAL A 154 -9.06 5.95 -3.02
CA VAL A 154 -10.12 6.95 -2.84
C VAL A 154 -10.48 7.63 -4.17
N LEU A 155 -9.48 8.12 -4.90
CA LEU A 155 -9.79 8.95 -6.07
C LEU A 155 -10.43 8.15 -7.22
N ARG A 156 -10.17 6.84 -7.29
CA ARG A 156 -10.79 6.06 -8.38
C ARG A 156 -12.31 5.89 -8.15
N LEU A 157 -12.79 6.26 -6.96
CA LEU A 157 -14.22 6.18 -6.63
C LEU A 157 -14.91 7.54 -6.77
N VAL A 158 -14.13 8.59 -6.99
CA VAL A 158 -14.69 9.93 -7.15
C VAL A 158 -15.33 10.03 -8.51
N PRO A 159 -16.62 10.35 -8.54
CA PRO A 159 -17.38 10.47 -9.79
C PRO A 159 -16.68 11.41 -10.74
N GLY A 160 -16.14 10.86 -11.82
CA GLY A 160 -15.47 11.66 -12.83
C GLY A 160 -14.03 11.27 -13.05
N VAL A 161 -13.22 11.33 -11.99
CA VAL A 161 -11.78 11.11 -12.06
C VAL A 161 -11.43 9.77 -12.69
N SER A 179 -16.81 -9.98 0.53
CA SER A 179 -17.75 -10.95 0.02
C SER A 179 -17.02 -12.23 -0.40
N LEU A 180 -16.82 -12.37 -1.70
CA LEU A 180 -16.02 -13.47 -2.24
C LEU A 180 -14.96 -12.87 -3.15
N LEU A 181 -13.86 -13.61 -3.33
CA LEU A 181 -12.77 -13.16 -4.22
C LEU A 181 -13.14 -13.35 -5.68
N GLU A 182 -12.62 -12.50 -6.57
CA GLU A 182 -12.81 -12.71 -8.00
C GLU A 182 -12.01 -13.92 -8.47
N GLY A 183 -12.60 -14.67 -9.40
CA GLY A 183 -11.94 -15.83 -9.98
C GLY A 183 -11.01 -15.47 -11.14
N PRO A 184 -10.48 -16.50 -11.82
CA PRO A 184 -9.54 -16.29 -12.91
C PRO A 184 -10.13 -15.64 -14.17
N SER A 185 -9.30 -14.90 -14.90
CA SER A 185 -9.70 -14.26 -16.17
CA SER A 185 -9.74 -14.31 -16.16
C SER A 185 -8.86 -14.80 -17.32
N TYR A 186 -9.44 -14.79 -18.53
CA TYR A 186 -8.78 -15.28 -19.75
C TYR A 186 -9.05 -14.40 -20.97
N THR A 187 -8.09 -14.36 -21.92
CA THR A 187 -8.34 -13.74 -23.23
C THR A 187 -7.58 -14.53 -24.33
N ARG A 188 -7.57 -14.02 -25.57
CA ARG A 188 -6.89 -14.71 -26.67
C ARG A 188 -5.38 -14.87 -26.43
N PRO A 189 -4.78 -15.96 -26.95
CA PRO A 189 -5.39 -17.00 -27.78
C PRO A 189 -6.08 -18.13 -27.00
N PRO A 190 -6.95 -18.91 -27.66
CA PRO A 190 -7.71 -19.96 -26.93
C PRO A 190 -6.82 -21.09 -26.37
N SER A 191 -5.65 -21.31 -26.97
CA SER A 191 -4.67 -22.26 -26.45
CA SER A 191 -4.67 -22.28 -26.48
C SER A 191 -3.29 -21.61 -26.41
N TRP A 192 -2.60 -21.76 -25.29
CA TRP A 192 -1.29 -21.11 -25.09
C TRP A 192 -0.41 -21.98 -24.17
N ARG A 193 0.78 -22.35 -24.66
CA ARG A 193 1.71 -23.22 -23.94
C ARG A 193 1.03 -24.45 -23.31
N GLY A 194 0.17 -25.09 -24.08
CA GLY A 194 -0.45 -26.33 -23.65
C GLY A 194 -1.67 -26.16 -22.75
N MET A 195 -2.05 -24.91 -22.49
CA MET A 195 -3.18 -24.63 -21.61
C MET A 195 -4.35 -24.00 -22.38
N ASP A 196 -5.50 -24.66 -22.36
CA ASP A 196 -6.72 -24.17 -23.03
C ASP A 196 -7.59 -23.32 -22.10
N VAL A 197 -8.19 -22.26 -22.64
CA VAL A 197 -9.22 -21.52 -21.90
C VAL A 197 -10.36 -22.47 -21.58
N PRO A 198 -10.89 -22.43 -20.33
CA PRO A 198 -12.00 -23.32 -19.97
C PRO A 198 -13.15 -23.29 -20.98
N PRO A 199 -13.51 -24.47 -21.56
CA PRO A 199 -14.50 -24.48 -22.64
C PRO A 199 -15.85 -23.87 -22.29
N VAL A 200 -16.27 -23.92 -21.03
CA VAL A 200 -17.55 -23.33 -20.65
C VAL A 200 -17.62 -21.83 -21.03
N LEU A 201 -16.48 -21.13 -21.00
CA LEU A 201 -16.47 -19.70 -21.32
C LEU A 201 -16.75 -19.44 -22.80
N LEU A 202 -16.58 -20.46 -23.64
CA LEU A 202 -16.86 -20.38 -25.08
C LEU A 202 -18.21 -20.98 -25.50
N SER A 203 -19.05 -21.33 -24.52
CA SER A 203 -20.26 -22.12 -24.78
C SER A 203 -21.49 -21.34 -25.23
N GLY A 204 -21.51 -20.04 -25.00
CA GLY A 204 -22.73 -19.27 -25.26
C GLY A 204 -23.89 -19.58 -24.31
N ASP A 205 -23.61 -20.27 -23.20
CA ASP A 205 -24.62 -20.56 -22.17
C ASP A 205 -24.33 -19.66 -20.99
N HIS A 206 -24.94 -18.48 -20.97
CA HIS A 206 -24.48 -17.47 -20.02
C HIS A 206 -24.95 -17.71 -18.57
N ALA A 207 -26.04 -18.45 -18.36
CA ALA A 207 -26.41 -18.88 -17.01
C ALA A 207 -25.41 -19.89 -16.45
N LYS A 208 -24.97 -20.82 -17.30
CA LYS A 208 -23.95 -21.79 -16.89
C LYS A 208 -22.60 -21.13 -16.58
N ILE A 209 -22.20 -20.17 -17.42
CA ILE A 209 -20.97 -19.43 -17.21
C ILE A 209 -21.00 -18.71 -15.85
N ALA A 210 -22.14 -18.09 -15.51
CA ALA A 210 -22.24 -17.41 -14.22
C ALA A 210 -22.11 -18.39 -13.03
N ALA A 211 -22.70 -19.58 -13.16
CA ALA A 211 -22.59 -20.59 -12.10
C ALA A 211 -21.15 -21.12 -11.97
N TRP A 212 -20.48 -21.30 -13.12
CA TRP A 212 -19.07 -21.72 -13.11
C TRP A 212 -18.18 -20.67 -12.43
N ARG A 213 -18.40 -19.40 -12.74
CA ARG A 213 -17.61 -18.33 -12.11
C ARG A 213 -17.85 -18.26 -10.60
N ALA A 214 -19.10 -18.48 -10.18
CA ALA A 214 -19.42 -18.49 -8.74
C ALA A 214 -18.65 -19.59 -8.00
N GLU A 215 -18.59 -20.78 -8.60
CA GLU A 215 -17.87 -21.88 -7.96
C GLU A 215 -16.35 -21.62 -7.92
N GLN A 216 -15.79 -21.01 -8.97
CA GLN A 216 -14.36 -20.67 -8.97
C GLN A 216 -14.07 -19.68 -7.84
N SER A 217 -14.97 -18.72 -7.67
CA SER A 217 -14.86 -17.72 -6.61
CA SER A 217 -14.83 -17.73 -6.61
C SER A 217 -14.93 -18.35 -5.22
N ARG A 218 -15.87 -19.29 -5.04
CA ARG A 218 -15.97 -20.01 -3.76
C ARG A 218 -14.68 -20.77 -3.42
N GLN A 219 -14.16 -21.52 -4.38
CA GLN A 219 -12.95 -22.32 -4.16
C GLN A 219 -11.74 -21.44 -3.81
N ARG A 220 -11.56 -20.35 -4.56
CA ARG A 220 -10.44 -19.45 -4.34
C ARG A 220 -10.55 -18.80 -2.95
N THR A 221 -11.77 -18.45 -2.53
CA THR A 221 -11.96 -17.81 -1.22
C THR A 221 -11.66 -18.78 -0.07
N ILE A 222 -12.12 -20.03 -0.20
CA ILE A 222 -11.80 -21.08 0.79
C ILE A 222 -10.28 -21.30 0.91
N GLU A 223 -9.58 -21.35 -0.23
CA GLU A 223 -8.13 -21.60 -0.24
C GLU A 223 -7.30 -20.42 0.26
N ARG A 224 -7.66 -19.20 -0.13
CA ARG A 224 -6.77 -18.06 0.09
C ARG A 224 -7.23 -17.14 1.23
N ARG A 225 -8.54 -17.09 1.49
CA ARG A 225 -9.10 -16.15 2.45
C ARG A 225 -10.23 -16.78 3.29
N PRO A 226 -9.93 -17.86 4.02
CA PRO A 226 -10.97 -18.48 4.84
C PRO A 226 -11.59 -17.52 5.86
N ASP A 227 -10.89 -16.44 6.18
CA ASP A 227 -11.41 -15.43 7.11
C ASP A 227 -12.69 -14.79 6.57
N LEU A 228 -12.82 -14.72 5.24
CA LEU A 228 -13.96 -14.07 4.60
C LEU A 228 -15.24 -14.90 4.70
N LEU A 229 -15.10 -16.13 5.19
CA LEU A 229 -16.25 -17.02 5.32
C LEU A 229 -16.53 -17.32 6.79
N SER B 2 22.59 -9.94 -0.35
CA SER B 2 22.49 -9.50 -1.74
C SER B 2 21.15 -9.93 -2.35
N MET B 3 20.29 -8.96 -2.65
CA MET B 3 19.03 -9.23 -3.31
C MET B 3 18.92 -8.44 -4.62
N LYS B 4 18.35 -9.05 -5.65
CA LYS B 4 17.96 -8.37 -6.89
C LYS B 4 16.44 -8.33 -6.99
N ILE B 5 15.86 -7.16 -7.31
CA ILE B 5 14.42 -7.04 -7.55
C ILE B 5 14.19 -6.49 -8.95
N ASP B 6 13.44 -7.23 -9.77
CA ASP B 6 13.02 -6.74 -11.09
C ASP B 6 11.51 -6.44 -11.04
N VAL B 7 11.10 -5.28 -11.53
CA VAL B 7 9.67 -4.93 -11.59
C VAL B 7 9.26 -4.77 -13.06
N VAL B 8 8.16 -5.41 -13.46
CA VAL B 8 7.67 -5.31 -14.84
C VAL B 8 6.30 -4.63 -14.86
N THR B 9 6.15 -3.62 -15.72
CA THR B 9 5.01 -2.70 -15.70
C THR B 9 4.86 -1.99 -17.05
N ILE B 10 3.64 -1.56 -17.39
CA ILE B 10 3.47 -0.65 -18.53
C ILE B 10 3.58 0.83 -18.13
N PHE B 11 3.81 1.10 -16.84
CA PHE B 11 4.07 2.47 -16.37
C PHE B 11 5.34 2.57 -15.55
N PRO B 12 6.52 2.40 -16.20
CA PRO B 12 7.81 2.46 -15.49
C PRO B 12 8.02 3.76 -14.71
N GLU B 13 7.48 4.87 -15.17
CA GLU B 13 7.68 6.15 -14.49
C GLU B 13 7.04 6.18 -13.09
N TYR B 14 6.03 5.33 -12.88
CA TYR B 14 5.35 5.27 -11.60
CA TYR B 14 5.34 5.26 -11.59
C TYR B 14 6.22 4.68 -10.50
N LEU B 15 7.29 3.97 -10.88
CA LEU B 15 8.14 3.28 -9.91
C LEU B 15 9.34 4.07 -9.40
N GLN B 16 9.49 5.30 -9.88
CA GLN B 16 10.63 6.11 -9.44
C GLN B 16 10.64 6.56 -7.96
N PRO B 17 9.50 6.48 -7.23
CA PRO B 17 9.66 6.76 -5.78
C PRO B 17 10.58 5.78 -5.07
N VAL B 18 10.89 4.67 -5.72
CA VAL B 18 11.75 3.65 -5.14
C VAL B 18 13.20 4.15 -5.01
N ARG B 19 13.49 5.31 -5.60
CA ARG B 19 14.81 5.93 -5.40
C ARG B 19 14.90 6.58 -4.02
N GLN B 20 14.04 6.13 -3.11
CA GLN B 20 14.24 6.33 -1.69
C GLN B 20 15.11 5.16 -1.20
N SER B 21 16.12 4.84 -2.00
CA SER B 21 17.10 3.79 -1.72
C SER B 21 16.51 2.52 -1.12
N ALA B 26 19.63 2.03 0.74
CA ALA B 26 19.80 0.60 0.48
C ALA B 26 20.41 0.36 -0.89
N ILE B 27 19.81 0.94 -1.93
CA ILE B 27 20.38 0.88 -3.26
C ILE B 27 21.71 1.63 -3.28
N ASP B 28 21.75 2.73 -2.54
CA ASP B 28 22.96 3.51 -2.38
C ASP B 28 24.05 2.70 -1.69
N ALA B 29 23.66 1.96 -0.65
CA ALA B 29 24.58 1.07 0.04
C ALA B 29 25.08 -0.03 -0.88
N GLY B 30 24.17 -0.60 -1.67
CA GLY B 30 24.56 -1.54 -2.70
C GLY B 30 24.46 -3.01 -2.34
N LEU B 31 23.63 -3.33 -1.37
CA LEU B 31 23.38 -4.74 -1.02
C LEU B 31 22.15 -5.24 -1.79
N VAL B 32 21.37 -4.29 -2.29
CA VAL B 32 20.20 -4.62 -3.11
C VAL B 32 20.24 -3.83 -4.42
N ASP B 33 19.74 -4.46 -5.48
CA ASP B 33 19.64 -3.81 -6.78
C ASP B 33 18.20 -3.91 -7.26
N VAL B 34 17.63 -2.77 -7.66
CA VAL B 34 16.26 -2.75 -8.17
C VAL B 34 16.24 -2.22 -9.60
N ALA B 35 15.61 -2.96 -10.51
CA ALA B 35 15.51 -2.56 -11.91
C ALA B 35 14.05 -2.59 -12.37
N VAL B 36 13.68 -1.62 -13.21
CA VAL B 36 12.30 -1.49 -13.69
C VAL B 36 12.24 -1.66 -15.21
N HIS B 37 11.35 -2.53 -15.68
CA HIS B 37 11.23 -2.88 -17.09
C HIS B 37 9.86 -2.56 -17.68
N ASP B 38 9.86 -1.94 -18.85
CA ASP B 38 8.65 -1.64 -19.62
C ASP B 38 8.14 -2.87 -20.36
N LEU B 39 6.97 -3.38 -19.98
CA LEU B 39 6.39 -4.58 -20.61
C LEU B 39 6.29 -4.46 -22.12
N ARG B 40 6.11 -3.24 -22.63
CA ARG B 40 5.91 -3.03 -24.07
C ARG B 40 7.16 -3.34 -24.88
N ARG B 41 8.30 -3.47 -24.21
CA ARG B 41 9.55 -3.88 -24.86
C ARG B 41 9.41 -5.24 -25.54
N TRP B 42 8.52 -6.09 -25.05
CA TRP B 42 8.39 -7.45 -25.54
C TRP B 42 7.23 -7.63 -26.54
N THR B 43 6.67 -6.53 -27.05
CA THR B 43 5.60 -6.62 -28.04
C THR B 43 6.16 -6.68 -29.46
N HIS B 44 5.28 -6.86 -30.44
CA HIS B 44 5.72 -7.01 -31.83
C HIS B 44 4.96 -6.12 -32.82
N ASP B 45 3.66 -5.93 -32.60
CA ASP B 45 2.87 -5.08 -33.49
C ASP B 45 3.29 -3.62 -33.33
N VAL B 46 2.94 -2.80 -34.31
CA VAL B 46 3.34 -1.39 -34.31
C VAL B 46 2.58 -0.58 -33.26
N HIS B 47 1.45 -1.11 -32.79
CA HIS B 47 0.62 -0.40 -31.83
C HIS B 47 0.84 -0.88 -30.41
N LYS B 48 1.71 -1.88 -30.26
CA LYS B 48 2.17 -2.36 -28.94
C LYS B 48 1.03 -2.79 -28.02
N SER B 49 0.08 -3.57 -28.54
CA SER B 49 -1.10 -3.94 -27.77
C SER B 49 -0.81 -4.99 -26.70
N VAL B 50 -1.24 -4.71 -25.47
CA VAL B 50 -0.99 -5.65 -24.39
C VAL B 50 -2.27 -6.24 -23.81
N ASP B 51 -3.43 -5.81 -24.30
CA ASP B 51 -4.72 -6.22 -23.70
C ASP B 51 -5.77 -6.62 -24.75
N ASP B 52 -6.80 -7.35 -24.32
CA ASP B 52 -7.84 -7.89 -25.21
C ASP B 52 -9.11 -8.11 -24.37
N SER B 53 -10.27 -8.20 -25.01
CA SER B 53 -11.51 -8.42 -24.29
C SER B 53 -11.56 -9.82 -23.65
N PRO B 54 -12.29 -9.97 -22.51
CA PRO B 54 -12.34 -11.26 -21.78
C PRO B 54 -13.18 -12.36 -22.42
N TYR B 55 -12.68 -13.58 -22.44
CA TYR B 55 -13.53 -14.73 -22.77
C TYR B 55 -14.62 -14.90 -21.71
N GLY B 56 -15.84 -15.20 -22.17
CA GLY B 56 -16.96 -15.46 -21.28
C GLY B 56 -17.73 -14.24 -20.84
N GLY B 57 -17.30 -13.06 -21.28
CA GLY B 57 -17.98 -11.84 -20.94
C GLY B 57 -17.43 -11.13 -19.73
N GLY B 58 -17.94 -9.92 -19.52
CA GLY B 58 -17.51 -9.09 -18.42
C GLY B 58 -17.05 -7.73 -18.89
N PRO B 59 -16.95 -6.77 -17.95
CA PRO B 59 -16.46 -5.43 -18.29
C PRO B 59 -14.95 -5.38 -18.40
N GLY B 60 -14.45 -4.40 -19.15
CA GLY B 60 -13.02 -4.14 -19.19
C GLY B 60 -12.22 -5.05 -20.11
N MET B 61 -10.92 -5.07 -19.84
CA MET B 61 -9.95 -5.78 -20.66
C MET B 61 -9.03 -6.63 -19.79
N VAL B 62 -8.42 -7.63 -20.40
CA VAL B 62 -7.50 -8.55 -19.73
C VAL B 62 -6.12 -8.48 -20.39
N MET B 63 -5.02 -8.51 -19.63
CA MET B 63 -3.69 -8.50 -20.26
C MET B 63 -3.37 -9.87 -20.91
N LYS B 64 -2.92 -9.82 -22.17
CA LYS B 64 -2.62 -11.03 -22.97
C LYS B 64 -1.47 -11.84 -22.39
N PRO B 65 -1.58 -13.18 -22.44
CA PRO B 65 -0.50 -13.99 -21.87
C PRO B 65 0.78 -13.98 -22.72
N THR B 66 0.66 -13.77 -24.03
CA THR B 66 1.82 -13.90 -24.92
C THR B 66 2.96 -12.94 -24.55
N VAL B 67 2.64 -11.65 -24.39
CA VAL B 67 3.66 -10.65 -24.06
C VAL B 67 4.30 -10.91 -22.70
N TRP B 68 3.48 -11.28 -21.72
CA TRP B 68 3.99 -11.59 -20.38
C TRP B 68 4.93 -12.82 -20.39
N GLY B 69 4.55 -13.85 -21.14
CA GLY B 69 5.35 -15.06 -21.24
C GLY B 69 6.75 -14.77 -21.75
N ASP B 70 6.84 -13.94 -22.80
CA ASP B 70 8.14 -13.60 -23.36
C ASP B 70 8.98 -12.76 -22.38
N ALA B 71 8.34 -11.81 -21.70
CA ALA B 71 9.06 -10.99 -20.71
C ALA B 71 9.62 -11.82 -19.57
N LEU B 72 8.80 -12.72 -19.02
CA LEU B 72 9.23 -13.51 -17.86
C LEU B 72 10.27 -14.57 -18.27
N ASP B 73 10.17 -15.09 -19.49
CA ASP B 73 11.17 -16.01 -20.04
C ASP B 73 12.58 -15.41 -19.93
N GLU B 74 12.68 -14.12 -20.23
CA GLU B 74 13.99 -13.44 -20.25
C GLU B 74 14.50 -13.04 -18.86
N ILE B 75 13.60 -12.62 -17.98
CA ILE B 75 13.97 -12.08 -16.67
C ILE B 75 14.10 -13.13 -15.55
N CYS B 76 13.29 -14.19 -15.64
CA CYS B 76 13.21 -15.18 -14.55
C CYS B 76 14.11 -16.40 -14.74
N THR B 77 14.54 -17.00 -13.63
CA THR B 77 15.16 -18.32 -13.63
C THR B 77 14.39 -19.25 -12.70
N SER B 78 14.81 -20.51 -12.59
CA SER B 78 14.11 -21.45 -11.72
C SER B 78 14.23 -21.08 -10.25
N GLU B 79 15.17 -20.20 -9.92
CA GLU B 79 15.38 -19.77 -8.54
C GLU B 79 14.55 -18.53 -8.16
N THR B 80 13.91 -17.90 -9.16
CA THR B 80 13.13 -16.68 -8.96
C THR B 80 11.89 -16.91 -8.11
N LEU B 81 11.58 -15.95 -7.23
CA LEU B 81 10.25 -15.89 -6.62
C LEU B 81 9.42 -14.85 -7.38
N LEU B 82 8.44 -15.33 -8.13
CA LEU B 82 7.55 -14.45 -8.92
C LEU B 82 6.40 -13.98 -8.03
N VAL B 83 6.33 -12.66 -7.84
CA VAL B 83 5.31 -12.00 -7.00
C VAL B 83 4.29 -11.31 -7.90
N VAL B 84 3.00 -11.59 -7.70
CA VAL B 84 1.93 -11.02 -8.54
C VAL B 84 0.88 -10.34 -7.65
N PRO B 85 0.94 -9.01 -7.50
CA PRO B 85 -0.12 -8.33 -6.73
C PRO B 85 -1.50 -8.48 -7.36
N THR B 86 -2.52 -8.77 -6.53
CA THR B 86 -3.91 -8.93 -6.99
C THR B 86 -4.86 -8.85 -5.80
N PRO B 87 -6.06 -8.23 -5.96
CA PRO B 87 -7.02 -8.18 -4.85
C PRO B 87 -7.47 -9.57 -4.43
N ALA B 88 -7.30 -10.56 -5.30
CA ALA B 88 -7.70 -11.93 -5.02
C ALA B 88 -6.57 -12.79 -4.48
N GLY B 89 -5.47 -12.18 -4.05
CA GLY B 89 -4.32 -12.96 -3.59
C GLY B 89 -4.37 -13.40 -2.14
N TYR B 90 -3.41 -14.25 -1.75
CA TYR B 90 -3.18 -14.54 -0.33
C TYR B 90 -2.74 -13.24 0.36
N PRO B 91 -3.05 -13.06 1.66
CA PRO B 91 -2.61 -11.81 2.31
C PRO B 91 -1.08 -11.63 2.43
N PHE B 92 -0.60 -10.44 2.11
CA PHE B 92 0.79 -10.07 2.35
C PHE B 92 0.88 -9.46 3.75
N THR B 93 1.63 -10.12 4.65
CA THR B 93 1.78 -9.71 6.05
C THR B 93 3.24 -9.54 6.45
N GLN B 94 3.47 -9.11 7.70
CA GLN B 94 4.83 -8.99 8.24
C GLN B 94 5.59 -10.31 8.14
N GLU B 95 4.88 -11.42 8.38
CA GLU B 95 5.50 -12.74 8.26
C GLU B 95 5.99 -12.99 6.80
N THR B 96 5.17 -12.62 5.81
CA THR B 96 5.58 -12.70 4.41
C THR B 96 6.84 -11.88 4.14
N ALA B 97 6.87 -10.67 4.68
CA ALA B 97 8.02 -9.79 4.53
C ALA B 97 9.30 -10.41 5.07
N TRP B 98 9.25 -10.97 6.29
CA TRP B 98 10.41 -11.69 6.83
C TRP B 98 10.84 -12.84 5.91
N GLN B 99 9.87 -13.61 5.41
CA GLN B 99 10.17 -14.77 4.56
C GLN B 99 10.88 -14.33 3.29
N TRP B 100 10.37 -13.29 2.64
CA TRP B 100 10.92 -12.87 1.36
C TRP B 100 12.25 -12.11 1.54
N SER B 101 12.55 -11.65 2.75
CA SER B 101 13.77 -10.87 3.00
C SER B 101 15.06 -11.65 2.77
N THR B 102 14.98 -12.97 2.72
CA THR B 102 16.21 -13.74 2.51
C THR B 102 16.29 -14.36 1.12
N GLU B 103 15.46 -13.88 0.19
CA GLU B 103 15.48 -14.35 -1.19
C GLU B 103 16.57 -13.66 -2.02
N ASP B 104 17.13 -14.41 -2.97
CA ASP B 104 18.12 -13.88 -3.90
C ASP B 104 17.52 -13.01 -5.00
N HIS B 105 16.31 -13.36 -5.45
CA HIS B 105 15.73 -12.73 -6.64
C HIS B 105 14.20 -12.68 -6.59
N LEU B 106 13.64 -11.48 -6.49
CA LEU B 106 12.20 -11.26 -6.61
C LEU B 106 11.91 -10.63 -7.96
N VAL B 107 10.87 -11.12 -8.64
CA VAL B 107 10.34 -10.45 -9.82
C VAL B 107 8.87 -10.09 -9.55
N ILE B 108 8.52 -8.81 -9.67
CA ILE B 108 7.16 -8.37 -9.37
C ILE B 108 6.44 -8.00 -10.66
N ALA B 109 5.41 -8.78 -11.01
CA ALA B 109 4.63 -8.57 -12.24
C ALA B 109 3.42 -7.69 -11.96
N CYS B 110 3.43 -6.46 -12.46
CA CYS B 110 2.36 -5.49 -12.19
C CYS B 110 1.28 -5.47 -13.27
N GLY B 111 0.05 -5.83 -12.91
CA GLY B 111 -1.06 -5.77 -13.83
C GLY B 111 -1.75 -4.42 -13.87
N ARG B 112 -2.54 -4.24 -14.92
CA ARG B 112 -3.43 -3.07 -15.12
C ARG B 112 -4.73 -3.62 -15.72
N TYR B 113 -5.62 -2.74 -16.14
CA TYR B 113 -6.94 -3.15 -16.67
C TYR B 113 -7.65 -4.04 -15.63
N GLU B 114 -8.22 -5.16 -16.06
CA GLU B 114 -8.88 -6.08 -15.14
C GLU B 114 -8.01 -7.25 -14.72
N GLY B 115 -6.69 -7.11 -14.89
CA GLY B 115 -5.76 -8.14 -14.45
C GLY B 115 -5.08 -8.87 -15.61
N ILE B 116 -4.36 -9.93 -15.26
CA ILE B 116 -3.54 -10.72 -16.20
C ILE B 116 -4.15 -12.10 -16.42
N ASP B 117 -4.20 -12.55 -17.68
CA ASP B 117 -4.64 -13.91 -18.03
C ASP B 117 -4.04 -14.94 -17.05
N GLN B 118 -4.90 -15.78 -16.46
CA GLN B 118 -4.45 -16.68 -15.39
C GLN B 118 -3.35 -17.68 -15.83
N ARG B 119 -3.25 -17.93 -17.14
CA ARG B 119 -2.26 -18.91 -17.62
C ARG B 119 -0.83 -18.41 -17.45
N VAL B 120 -0.63 -17.10 -17.28
CA VAL B 120 0.73 -16.58 -17.08
C VAL B 120 1.30 -17.13 -15.76
N ALA B 121 0.54 -16.98 -14.68
CA ALA B 121 0.95 -17.53 -13.37
C ALA B 121 1.02 -19.06 -13.40
N ASP B 122 0.07 -19.70 -14.07
CA ASP B 122 0.06 -21.17 -14.09
C ASP B 122 1.27 -21.74 -14.85
N ASP B 123 1.60 -21.14 -16.01
CA ASP B 123 2.80 -21.52 -16.78
C ASP B 123 4.08 -21.31 -15.97
N ALA B 124 4.20 -20.13 -15.35
CA ALA B 124 5.38 -19.81 -14.55
C ALA B 124 5.59 -20.82 -13.42
N ALA B 125 4.49 -21.31 -12.84
CA ALA B 125 4.56 -22.22 -11.69
C ALA B 125 5.11 -23.60 -12.05
N THR B 126 5.18 -23.90 -13.35
CA THR B 126 5.80 -25.17 -13.78
C THR B 126 7.33 -25.08 -13.75
N ARG B 127 7.88 -23.89 -13.55
CA ARG B 127 9.33 -23.63 -13.63
CA ARG B 127 9.33 -23.82 -13.51
C ARG B 127 9.90 -22.97 -12.38
N MET B 128 9.07 -22.22 -11.66
CA MET B 128 9.52 -21.45 -10.50
C MET B 128 8.43 -21.35 -9.46
N ARG B 129 8.76 -20.80 -8.29
CA ARG B 129 7.77 -20.50 -7.23
C ARG B 129 7.01 -19.21 -7.53
N VAL B 130 5.69 -19.26 -7.38
CA VAL B 130 4.81 -18.12 -7.70
C VAL B 130 3.95 -17.74 -6.49
N ARG B 131 3.82 -16.43 -6.22
CA ARG B 131 3.00 -15.96 -5.11
C ARG B 131 2.04 -14.83 -5.53
N GLU B 132 0.74 -15.13 -5.65
CA GLU B 132 -0.29 -14.10 -5.84
C GLU B 132 -0.69 -13.51 -4.49
N VAL B 133 -0.54 -12.19 -4.31
CA VAL B 133 -0.74 -11.59 -2.97
C VAL B 133 -1.55 -10.29 -2.98
N SER B 134 -2.35 -10.10 -1.93
CA SER B 134 -3.09 -8.86 -1.68
C SER B 134 -2.49 -8.07 -0.53
N ILE B 135 -2.16 -6.79 -0.75
CA ILE B 135 -1.59 -5.99 0.34
C ILE B 135 -2.64 -5.43 1.30
N GLY B 136 -3.92 -5.61 0.99
CA GLY B 136 -4.99 -5.13 1.86
C GLY B 136 -6.34 -5.17 1.16
N ASP B 137 -7.42 -5.01 1.93
CA ASP B 137 -8.75 -5.19 1.35
C ASP B 137 -9.32 -3.91 0.73
N TYR B 138 -8.69 -3.52 -0.38
CA TYR B 138 -9.10 -2.35 -1.17
C TYR B 138 -8.64 -2.55 -2.61
N VAL B 139 -9.27 -1.83 -3.54
CA VAL B 139 -8.99 -1.97 -4.96
C VAL B 139 -8.18 -0.77 -5.49
N LEU B 140 -7.02 -1.08 -6.08
CA LEU B 140 -6.18 -0.11 -6.76
C LEU B 140 -6.47 -0.09 -8.28
N ASN B 141 -5.81 0.79 -9.02
CA ASN B 141 -5.93 0.78 -10.49
C ASN B 141 -4.93 -0.18 -11.15
N GLY B 142 -3.94 -0.62 -10.39
CA GLY B 142 -2.96 -1.57 -10.89
C GLY B 142 -1.98 -2.00 -9.81
N GLY B 143 -1.04 -2.86 -10.17
CA GLY B 143 -0.12 -3.43 -9.20
C GLY B 143 1.04 -2.54 -8.74
N GLU B 144 1.26 -1.40 -9.40
CA GLU B 144 2.45 -0.59 -9.14
C GLU B 144 2.56 -0.06 -7.70
N ALA B 145 1.48 0.51 -7.15
CA ALA B 145 1.54 0.97 -5.74
C ALA B 145 1.76 -0.19 -4.77
N ALA B 146 1.18 -1.36 -5.07
CA ALA B 146 1.41 -2.56 -4.27
C ALA B 146 2.88 -3.01 -4.34
N ALA B 147 3.49 -2.93 -5.52
CA ALA B 147 4.92 -3.22 -5.66
C ALA B 147 5.77 -2.32 -4.75
N LEU B 148 5.44 -1.01 -4.69
CA LEU B 148 6.21 -0.10 -3.86
C LEU B 148 6.09 -0.45 -2.36
N VAL B 149 4.88 -0.81 -1.94
CA VAL B 149 4.64 -1.23 -0.56
C VAL B 149 5.45 -2.51 -0.23
N ILE B 150 5.40 -3.50 -1.10
CA ILE B 150 6.13 -4.75 -0.88
C ILE B 150 7.65 -4.52 -0.83
N ILE B 151 8.19 -3.73 -1.76
CA ILE B 151 9.63 -3.45 -1.76
C ILE B 151 10.06 -2.79 -0.46
N GLU B 152 9.30 -1.79 -0.01
CA GLU B 152 9.69 -1.13 1.24
C GLU B 152 9.61 -2.06 2.47
N ALA B 153 8.54 -2.84 2.58
CA ALA B 153 8.39 -3.73 3.74
C ALA B 153 9.47 -4.81 3.79
N VAL B 154 9.91 -5.27 2.62
CA VAL B 154 10.94 -6.33 2.51
C VAL B 154 12.36 -5.80 2.70
N LEU B 155 12.70 -4.71 2.01
CA LEU B 155 14.09 -4.24 2.01
C LEU B 155 14.59 -3.79 3.37
N ARG B 156 13.69 -3.26 4.21
CA ARG B 156 14.10 -2.79 5.54
C ARG B 156 14.47 -3.96 6.46
N LEU B 157 14.17 -5.18 6.05
CA LEU B 157 14.49 -6.38 6.84
C LEU B 157 15.73 -7.13 6.36
N VAL B 158 16.27 -6.75 5.20
CA VAL B 158 17.39 -7.45 4.59
C VAL B 158 18.62 -7.26 5.48
N PRO B 159 19.34 -8.37 5.77
CA PRO B 159 20.51 -8.24 6.67
C PRO B 159 21.51 -7.24 6.11
N GLY B 160 21.87 -6.25 6.92
CA GLY B 160 22.78 -5.21 6.48
C GLY B 160 22.08 -3.88 6.25
N VAL B 161 20.77 -3.86 6.45
CA VAL B 161 19.98 -2.64 6.33
C VAL B 161 19.54 -2.15 7.70
N SER B 179 0.75 -9.28 16.55
CA SER B 179 1.11 -9.24 17.96
C SER B 179 0.28 -8.20 18.70
N LEU B 180 0.92 -7.07 19.01
CA LEU B 180 0.26 -5.96 19.67
C LEU B 180 0.61 -4.67 18.97
N LEU B 181 -0.25 -3.66 19.10
CA LEU B 181 -0.01 -2.35 18.50
C LEU B 181 0.87 -1.49 19.37
N GLU B 182 1.76 -0.72 18.73
CA GLU B 182 2.55 0.29 19.41
C GLU B 182 1.64 1.35 20.04
N GLY B 183 1.99 1.78 21.25
CA GLY B 183 1.24 2.83 21.90
C GLY B 183 1.76 4.20 21.48
N PRO B 184 1.24 5.26 22.11
CA PRO B 184 1.62 6.64 21.76
C PRO B 184 3.07 6.99 22.14
N SER B 185 3.65 7.92 21.38
CA SER B 185 5.02 8.42 21.61
CA SER B 185 5.00 8.41 21.66
C SER B 185 5.01 9.92 21.84
N TYR B 186 6.02 10.42 22.56
CA TYR B 186 6.13 11.85 22.91
C TYR B 186 7.58 12.34 22.88
N THR B 187 7.76 13.63 22.60
CA THR B 187 9.08 14.27 22.74
C THR B 187 8.93 15.73 23.24
N ARG B 188 10.02 16.49 23.29
CA ARG B 188 10.00 17.83 23.90
C ARG B 188 9.15 18.83 23.11
N PRO B 189 8.53 19.82 23.80
CA PRO B 189 8.57 20.16 25.23
C PRO B 189 7.58 19.35 26.08
N PRO B 190 7.81 19.26 27.40
CA PRO B 190 6.96 18.43 28.27
C PRO B 190 5.53 18.96 28.40
N SER B 191 5.34 20.25 28.16
CA SER B 191 4.00 20.84 28.06
CA SER B 191 4.00 20.85 28.06
C SER B 191 3.88 21.61 26.74
N TRP B 192 2.82 21.36 25.98
CA TRP B 192 2.60 22.02 24.68
C TRP B 192 1.11 22.31 24.45
N ARG B 193 0.78 23.57 24.20
CA ARG B 193 -0.63 24.01 24.04
C ARG B 193 -1.52 23.59 25.22
N GLY B 194 -0.92 23.49 26.41
CA GLY B 194 -1.67 23.07 27.59
C GLY B 194 -1.89 21.58 27.70
N MET B 195 -1.19 20.81 26.86
CA MET B 195 -1.24 19.33 26.90
C MET B 195 0.10 18.78 27.43
N ASP B 196 0.03 17.96 28.48
CA ASP B 196 1.23 17.42 29.13
C ASP B 196 1.61 16.02 28.65
N VAL B 197 2.91 15.78 28.52
CA VAL B 197 3.41 14.41 28.36
C VAL B 197 3.05 13.64 29.63
N PRO B 198 2.55 12.39 29.50
CA PRO B 198 2.24 11.59 30.70
C PRO B 198 3.40 11.60 31.69
N PRO B 199 3.14 12.00 32.94
CA PRO B 199 4.20 12.21 33.93
C PRO B 199 5.11 10.99 34.17
N VAL B 200 4.55 9.78 34.04
CA VAL B 200 5.34 8.58 34.25
C VAL B 200 6.54 8.51 33.29
N LEU B 201 6.39 9.07 32.09
CA LEU B 201 7.45 9.04 31.09
C LEU B 201 8.61 9.96 31.45
N LEU B 202 8.38 10.87 32.40
CA LEU B 202 9.41 11.78 32.88
C LEU B 202 10.04 11.29 34.19
N SER B 203 9.54 10.17 34.71
CA SER B 203 9.86 9.73 36.08
C SER B 203 11.17 8.96 36.20
N GLY B 204 11.73 8.50 35.08
CA GLY B 204 12.95 7.71 35.09
C GLY B 204 12.81 6.33 35.71
N ASP B 205 11.57 5.94 36.00
CA ASP B 205 11.29 4.62 36.58
C ASP B 205 11.02 3.61 35.47
N HIS B 206 12.05 2.84 35.10
CA HIS B 206 11.96 1.94 33.96
C HIS B 206 10.83 0.90 34.09
N ALA B 207 10.62 0.38 35.29
CA ALA B 207 9.57 -0.62 35.50
C ALA B 207 8.19 -0.02 35.34
N LYS B 208 8.00 1.19 35.88
CA LYS B 208 6.70 1.85 35.78
C LYS B 208 6.42 2.31 34.34
N ILE B 209 7.48 2.69 33.63
CA ILE B 209 7.32 3.11 32.23
C ILE B 209 6.99 1.91 31.33
N ALA B 210 7.67 0.80 31.56
CA ALA B 210 7.44 -0.41 30.79
C ALA B 210 6.01 -0.92 30.99
N ALA B 211 5.53 -0.81 32.23
CA ALA B 211 4.17 -1.22 32.57
C ALA B 211 3.11 -0.30 31.96
N TRP B 212 3.37 1.01 31.97
CA TRP B 212 2.44 1.96 31.40
C TRP B 212 2.33 1.76 29.90
N ARG B 213 3.48 1.53 29.26
CA ARG B 213 3.52 1.34 27.81
C ARG B 213 2.82 0.04 27.39
N ALA B 214 3.02 -1.01 28.18
CA ALA B 214 2.37 -2.30 27.90
C ALA B 214 0.86 -2.15 27.95
N GLU B 215 0.38 -1.38 28.92
CA GLU B 215 -1.05 -1.17 29.10
C GLU B 215 -1.64 -0.28 28.00
N GLN B 216 -0.91 0.74 27.57
CA GLN B 216 -1.40 1.58 26.48
C GLN B 216 -1.53 0.77 25.20
N SER B 217 -0.58 -0.13 24.98
CA SER B 217 -0.55 -0.97 23.79
CA SER B 217 -0.57 -0.95 23.79
C SER B 217 -1.74 -1.94 23.78
N ARG B 218 -1.97 -2.61 24.90
CA ARG B 218 -3.06 -3.56 24.94
C ARG B 218 -4.40 -2.81 24.84
N GLN B 219 -4.48 -1.61 25.42
CA GLN B 219 -5.67 -0.77 25.32
C GLN B 219 -5.99 -0.29 23.89
N ARG B 220 -4.94 0.11 23.16
CA ARG B 220 -5.10 0.51 21.77
C ARG B 220 -5.48 -0.67 20.88
N THR B 221 -4.97 -1.85 21.23
CA THR B 221 -5.20 -3.04 20.42
C THR B 221 -6.67 -3.49 20.51
N ILE B 222 -7.23 -3.49 21.72
CA ILE B 222 -8.62 -3.92 21.86
C ILE B 222 -9.60 -2.93 21.19
N GLU B 223 -9.25 -1.64 21.16
CA GLU B 223 -10.06 -0.62 20.51
C GLU B 223 -9.99 -0.64 18.98
N ARG B 224 -8.78 -0.79 18.45
CA ARG B 224 -8.55 -0.64 17.00
C ARG B 224 -8.40 -1.94 16.23
N ARG B 225 -7.86 -2.98 16.88
CA ARG B 225 -7.59 -4.26 16.24
C ARG B 225 -7.96 -5.45 17.14
N PRO B 226 -9.25 -5.57 17.51
CA PRO B 226 -9.60 -6.65 18.44
C PRO B 226 -9.31 -8.04 17.89
N ASP B 227 -9.23 -8.17 16.56
CA ASP B 227 -8.92 -9.46 15.94
C ASP B 227 -7.54 -9.99 16.37
N LEU B 228 -6.61 -9.08 16.65
CA LEU B 228 -5.25 -9.49 17.05
C LEU B 228 -5.24 -10.23 18.39
N LEU B 229 -6.25 -9.99 19.22
CA LEU B 229 -6.35 -10.62 20.54
C LEU B 229 -7.45 -11.70 20.59
N GLY B 230 -7.97 -12.08 19.43
CA GLY B 230 -8.96 -13.14 19.33
C GLY B 230 -10.39 -12.72 19.65
N PHE B 231 -10.75 -11.46 19.34
CA PHE B 231 -12.12 -10.98 19.55
C PHE B 231 -12.78 -10.60 18.22
N ASP B 232 -14.11 -10.51 18.25
CA ASP B 232 -14.89 -10.21 17.05
C ASP B 232 -14.58 -8.85 16.43
N SER B 233 -14.99 -8.70 15.18
CA SER B 233 -14.83 -7.46 14.40
C SER B 233 -13.37 -7.11 14.22
#